data_9UDT
#
_entry.id   9UDT
#
_cell.length_a   38.148
_cell.length_b   77.511
_cell.length_c   82.517
_cell.angle_alpha   90.000
_cell.angle_beta   90.000
_cell.angle_gamma   90.000
#
_symmetry.space_group_name_H-M   'P 21 21 21'
#
loop_
_entity.id
_entity.type
_entity.pdbx_description
1 polymer 'Single-chain Fv antibody of C6'
2 non-polymer '6-[2-(3,5-dinitro-4-oxidanyl-phenyl)ethanoylamino]hexanoic acid'
3 non-polymer 'ACETATE ION'
4 water water
#
_entity_poly.entity_id   1
_entity_poly.type   'polypeptide(L)'
_entity_poly.pdbx_seq_one_letter_code
;GSAQAVVTQESALTTSPGETVTLTCRSSTGAVTTSNYVNWVQEKPDHLFTGLVYSTNSRVPGVPARFSGSLIGDKAALTI
TGAQAEDEAIYFCTLWYSNHWVFGGGTKLTVLGQGGGGSGGGGSGGGGSQVQLQQPGAELVKPGASVKLSCKTSGYTFPY
YWMHWVNQRPGRGLEWIGRIDPNGGGTRYSEKFKSKATLTVDKPSNTAYMQLSSLTSEDSAVYYCARGKLGQHFDYWGQG
TALTVSS
;
_entity_poly.pdbx_strand_id   A
#
# COMPACT_ATOMS: atom_id res chain seq x y z
N GLN A 4 -15.70 -7.63 -6.70
CA GLN A 4 -15.09 -8.38 -7.84
C GLN A 4 -14.44 -7.44 -8.85
N ALA A 5 -14.23 -6.19 -8.45
CA ALA A 5 -13.56 -5.25 -9.34
C ALA A 5 -12.12 -5.67 -9.56
N VAL A 6 -11.66 -5.42 -10.78
CA VAL A 6 -10.29 -5.68 -11.20
C VAL A 6 -9.71 -4.37 -11.71
N VAL A 7 -8.50 -4.07 -11.26
CA VAL A 7 -7.76 -2.87 -11.67
C VAL A 7 -6.63 -3.32 -12.57
N THR A 8 -6.57 -2.79 -13.79
CA THR A 8 -5.62 -3.25 -14.77
C THR A 8 -4.59 -2.16 -15.09
N GLN A 9 -3.33 -2.57 -15.05
CA GLN A 9 -2.19 -1.73 -15.41
C GLN A 9 -1.39 -2.44 -16.50
N GLU A 10 -0.66 -1.69 -17.33
CA GLU A 10 0.29 -2.32 -18.24
C GLU A 10 1.25 -3.19 -17.44
N SER A 11 1.57 -4.39 -17.93
CA SER A 11 2.47 -5.26 -17.18
CA SER A 11 2.46 -5.25 -17.16
C SER A 11 3.88 -4.69 -17.10
N ALA A 12 4.37 -4.13 -18.20
CA ALA A 12 5.76 -3.69 -18.25
C ALA A 12 5.91 -2.65 -19.32
N LEU A 13 6.82 -1.72 -19.09
CA LEU A 13 7.16 -0.73 -20.09
C LEU A 13 8.65 -0.49 -20.02
N THR A 14 9.29 -0.31 -21.17
CA THR A 14 10.70 0.06 -21.23
C THR A 14 10.83 1.46 -21.82
N THR A 15 11.56 2.32 -21.13
CA THR A 15 11.78 3.68 -21.60
CA THR A 15 11.78 3.69 -21.57
C THR A 15 13.26 4.02 -21.51
N SER A 16 13.62 5.12 -22.11
CA SER A 16 14.99 5.61 -22.05
CA SER A 16 14.98 5.60 -22.04
C SER A 16 15.04 6.85 -21.19
N PRO A 17 16.17 7.12 -20.56
CA PRO A 17 16.30 8.36 -19.81
C PRO A 17 15.91 9.55 -20.66
N GLY A 18 15.14 10.45 -20.04
CA GLY A 18 14.71 11.68 -20.65
C GLY A 18 13.37 11.66 -21.33
N GLU A 19 12.80 10.48 -21.54
CA GLU A 19 11.51 10.34 -22.20
CA GLU A 19 11.50 10.39 -22.20
C GLU A 19 10.38 10.78 -21.25
N THR A 20 9.26 11.16 -21.85
CA THR A 20 8.00 11.33 -21.12
C THR A 20 7.19 10.08 -21.36
N VAL A 21 6.87 9.38 -20.29
CA VAL A 21 6.11 8.14 -20.39
CA VAL A 21 6.13 8.13 -20.36
C VAL A 21 4.92 8.22 -19.46
N THR A 22 3.83 7.57 -19.88
CA THR A 22 2.59 7.56 -19.11
C THR A 22 2.15 6.14 -18.86
N LEU A 23 1.93 5.82 -17.59
CA LEU A 23 1.40 4.55 -17.12
C LEU A 23 -0.09 4.73 -16.84
N THR A 24 -0.89 3.67 -17.05
CA THR A 24 -2.33 3.83 -16.89
C THR A 24 -2.90 2.76 -15.95
N CYS A 25 -4.13 3.05 -15.53
CA CYS A 25 -4.78 2.28 -14.48
C CYS A 25 -6.28 2.33 -14.79
N ARG A 26 -6.88 1.18 -15.13
CA ARG A 26 -8.25 1.04 -15.61
CA ARG A 26 -8.27 1.16 -15.52
CA ARG A 26 -8.28 1.16 -15.53
C ARG A 26 -9.08 0.29 -14.58
N SER A 27 -10.37 0.60 -14.51
CA SER A 27 -11.33 -0.07 -13.65
C SER A 27 -12.23 -0.98 -14.47
N SER A 28 -12.48 -2.21 -13.97
CA SER A 28 -13.29 -3.15 -14.73
C SER A 28 -14.77 -2.80 -14.74
N THR A 29 -15.26 -1.94 -13.85
CA THR A 29 -16.72 -1.73 -13.76
C THR A 29 -17.20 -0.39 -14.33
N GLY A 30 -16.29 0.44 -14.80
CA GLY A 30 -16.71 1.73 -15.33
C GLY A 30 -15.50 2.62 -15.53
N ALA A 31 -15.77 3.85 -15.91
CA ALA A 31 -14.69 4.82 -15.92
C ALA A 31 -14.11 4.95 -14.51
N VAL A 32 -12.81 5.23 -14.44
CA VAL A 32 -12.22 5.67 -13.16
C VAL A 32 -12.72 7.08 -12.90
N THR A 33 -13.16 7.34 -11.69
CA THR A 33 -13.68 8.65 -11.30
C THR A 33 -12.86 9.19 -10.15
N THR A 34 -13.06 10.47 -9.88
CA THR A 34 -12.47 11.09 -8.70
C THR A 34 -12.82 10.31 -7.44
N SER A 35 -14.02 9.76 -7.38
CA SER A 35 -14.46 9.02 -6.21
C SER A 35 -13.79 7.65 -6.03
N ASN A 36 -12.96 7.22 -6.98
CA ASN A 36 -12.09 6.08 -6.72
C ASN A 36 -10.80 6.46 -5.99
N TYR A 37 -10.52 7.75 -5.81
CA TYR A 37 -9.39 8.21 -5.02
C TYR A 37 -8.09 7.49 -5.38
N VAL A 38 -7.79 7.45 -6.68
CA VAL A 38 -6.64 6.66 -7.12
CA VAL A 38 -6.63 6.70 -7.18
C VAL A 38 -5.36 7.17 -6.49
N ASN A 39 -4.54 6.21 -6.06
CA ASN A 39 -3.20 6.49 -5.53
C ASN A 39 -2.18 5.69 -6.31
N TRP A 40 -1.00 6.29 -6.45
CA TRP A 40 0.13 5.70 -7.14
C TRP A 40 1.29 5.57 -6.16
N VAL A 41 1.90 4.40 -6.14
CA VAL A 41 3.03 4.11 -5.27
C VAL A 41 4.11 3.42 -6.10
N GLN A 42 5.33 3.51 -5.60
CA GLN A 42 6.52 3.01 -6.29
C GLN A 42 7.22 2.01 -5.40
N GLU A 43 7.55 0.84 -5.94
CA GLU A 43 8.28 -0.18 -5.22
C GLU A 43 9.66 -0.34 -5.83
N LYS A 44 10.69 -0.18 -5.01
CA LYS A 44 12.08 -0.42 -5.40
C LYS A 44 12.62 -1.57 -4.57
N PRO A 45 13.80 -2.11 -4.88
CA PRO A 45 14.36 -3.18 -4.06
C PRO A 45 14.81 -2.65 -2.70
N ASP A 46 14.66 -3.46 -1.64
CA ASP A 46 13.98 -4.73 -1.44
C ASP A 46 12.62 -4.42 -0.82
N HIS A 47 11.59 -4.58 -1.64
CA HIS A 47 10.21 -4.28 -1.26
C HIS A 47 10.07 -2.96 -0.51
N LEU A 48 10.65 -1.91 -1.09
CA LEU A 48 10.65 -0.57 -0.51
C LEU A 48 9.66 0.30 -1.25
N PHE A 49 8.56 0.64 -0.59
CA PHE A 49 7.49 1.42 -1.19
C PHE A 49 7.56 2.87 -0.76
N THR A 50 7.27 3.74 -1.71
CA THR A 50 7.06 5.15 -1.42
C THR A 50 5.80 5.61 -2.14
N GLY A 51 5.12 6.56 -1.54
CA GLY A 51 3.94 7.14 -2.17
C GLY A 51 4.37 8.20 -3.18
N LEU A 52 3.67 8.27 -4.30
CA LEU A 52 3.92 9.27 -5.33
C LEU A 52 2.81 10.28 -5.45
N VAL A 53 1.59 9.79 -5.64
CA VAL A 53 0.41 10.59 -5.91
C VAL A 53 -0.74 10.01 -5.10
N TYR A 54 -1.57 10.87 -4.54
CA TYR A 54 -2.81 10.45 -3.90
C TYR A 54 -3.98 11.22 -4.49
N SER A 55 -5.14 10.57 -4.43
CA SER A 55 -6.40 11.20 -4.84
C SER A 55 -6.29 11.84 -6.22
N THR A 56 -5.94 11.00 -7.19
CA THR A 56 -5.85 11.33 -8.61
C THR A 56 -4.61 12.14 -8.97
N ASN A 57 -4.45 13.30 -8.35
CA ASN A 57 -3.50 14.29 -8.85
C ASN A 57 -2.73 15.06 -7.81
N SER A 58 -2.78 14.67 -6.54
CA SER A 58 -1.98 15.34 -5.51
C SER A 58 -0.65 14.62 -5.36
N ARG A 59 0.43 15.29 -5.72
CA ARG A 59 1.74 14.71 -5.54
C ARG A 59 2.12 14.75 -4.06
N VAL A 60 2.69 13.65 -3.57
CA VAL A 60 3.16 13.59 -2.18
C VAL A 60 4.30 14.59 -2.00
N PRO A 61 4.27 15.46 -1.01
CA PRO A 61 5.36 16.43 -0.84
CA PRO A 61 5.35 16.43 -0.83
C PRO A 61 6.70 15.74 -0.81
N GLY A 62 7.69 16.34 -1.48
CA GLY A 62 9.01 15.79 -1.55
C GLY A 62 9.26 14.87 -2.73
N VAL A 63 8.22 14.40 -3.40
CA VAL A 63 8.39 13.58 -4.60
C VAL A 63 8.82 14.49 -5.74
N PRO A 64 9.74 14.07 -6.61
CA PRO A 64 10.14 14.92 -7.72
C PRO A 64 8.93 15.34 -8.54
N ALA A 65 9.00 16.57 -9.05
CA ALA A 65 7.88 17.16 -9.78
C ALA A 65 7.64 16.52 -11.13
N ARG A 66 8.58 15.73 -11.64
CA ARG A 66 8.35 15.02 -12.89
C ARG A 66 7.24 13.97 -12.80
N PHE A 67 6.82 13.58 -11.60
CA PHE A 67 5.71 12.66 -11.44
C PHE A 67 4.41 13.44 -11.32
N SER A 68 3.41 13.08 -12.12
CA SER A 68 2.11 13.70 -11.99
CA SER A 68 2.11 13.73 -12.06
C SER A 68 1.02 12.70 -12.30
N GLY A 69 -0.12 12.89 -11.64
CA GLY A 69 -1.27 12.04 -11.86
C GLY A 69 -2.42 12.82 -12.45
N SER A 70 -3.24 12.13 -13.23
CA SER A 70 -4.46 12.74 -13.73
C SER A 70 -5.43 11.62 -14.12
N LEU A 71 -6.63 12.03 -14.49
CA LEU A 71 -7.61 11.17 -15.12
C LEU A 71 -7.69 11.62 -16.56
N ILE A 72 -7.56 10.67 -17.47
CA ILE A 72 -7.52 10.95 -18.91
C ILE A 72 -8.58 10.03 -19.50
N GLY A 73 -9.66 10.60 -19.97
CA GLY A 73 -10.74 9.75 -20.44
C GLY A 73 -11.22 8.89 -19.29
N ASP A 74 -11.44 7.61 -19.57
N ASP A 74 -11.23 7.55 -19.49
CA ASP A 74 -12.08 6.74 -18.62
CA ASP A 74 -11.63 6.54 -18.50
C ASP A 74 -11.10 6.12 -17.64
C ASP A 74 -10.47 5.92 -17.71
N LYS A 75 -9.84 6.56 -17.59
N LYS A 75 -9.23 6.31 -17.97
CA LYS A 75 -8.88 5.90 -16.72
CA LYS A 75 -8.07 5.67 -17.34
C LYS A 75 -7.96 6.92 -16.05
C LYS A 75 -7.37 6.65 -16.42
N ALA A 76 -7.23 6.44 -15.03
N ALA A 76 -6.96 6.16 -15.25
CA ALA A 76 -6.19 7.24 -14.38
CA ALA A 76 -6.06 6.95 -14.41
C ALA A 76 -4.84 7.02 -15.05
C ALA A 76 -4.65 6.86 -14.99
N ALA A 77 -3.96 8.01 -14.90
N ALA A 77 -3.92 7.96 -14.88
CA ALA A 77 -2.65 7.99 -15.56
CA ALA A 77 -2.65 8.12 -15.55
C ALA A 77 -1.58 8.66 -14.69
C ALA A 77 -1.60 8.61 -14.54
N LEU A 78 -0.42 8.02 -14.62
CA LEU A 78 0.78 8.55 -13.97
C LEU A 78 1.76 8.90 -15.09
N THR A 79 2.10 10.18 -15.19
CA THR A 79 3.03 10.65 -16.20
C THR A 79 4.38 10.93 -15.52
N ILE A 80 5.45 10.43 -16.11
CA ILE A 80 6.81 10.69 -15.68
C ILE A 80 7.43 11.52 -16.79
N THR A 81 7.65 12.80 -16.51
CA THR A 81 8.08 13.77 -17.51
C THR A 81 9.58 13.92 -17.42
N GLY A 82 10.27 13.11 -18.22
CA GLY A 82 11.72 13.08 -18.22
C GLY A 82 12.27 12.01 -17.31
N ALA A 83 12.09 10.75 -17.70
CA ALA A 83 12.46 9.63 -16.84
C ALA A 83 13.94 9.74 -16.48
N GLN A 84 14.22 9.47 -15.21
CA GLN A 84 15.58 9.40 -14.71
C GLN A 84 15.93 7.95 -14.46
N ALA A 85 17.22 7.65 -14.47
CA ALA A 85 17.65 6.26 -14.30
C ALA A 85 17.10 5.65 -13.03
N GLU A 86 17.03 6.42 -11.96
CA GLU A 86 16.52 5.93 -10.67
C GLU A 86 15.03 5.68 -10.66
N ASP A 87 14.32 5.98 -11.74
CA ASP A 87 12.89 5.72 -11.81
C ASP A 87 12.56 4.29 -12.18
N GLU A 88 13.57 3.47 -12.51
CA GLU A 88 13.33 2.06 -12.77
C GLU A 88 12.81 1.43 -11.47
N ALA A 89 11.60 0.88 -11.53
CA ALA A 89 10.86 0.47 -10.33
C ALA A 89 9.56 -0.16 -10.80
N ILE A 90 8.78 -0.69 -9.85
CA ILE A 90 7.44 -1.18 -10.12
C ILE A 90 6.46 -0.13 -9.60
N TYR A 91 5.52 0.25 -10.43
CA TYR A 91 4.53 1.27 -10.09
C TYR A 91 3.15 0.64 -9.95
N PHE A 92 2.53 0.84 -8.80
CA PHE A 92 1.20 0.32 -8.54
C PHE A 92 0.19 1.44 -8.40
N CYS A 93 -1.01 1.21 -8.91
CA CYS A 93 -2.15 2.06 -8.58
C CYS A 93 -3.10 1.28 -7.69
N THR A 94 -3.95 2.01 -6.97
CA THR A 94 -5.01 1.41 -6.18
C THR A 94 -6.23 2.31 -6.25
N LEU A 95 -7.40 1.67 -6.33
CA LEU A 95 -8.69 2.32 -6.42
C LEU A 95 -9.58 1.89 -5.26
N TRP A 96 -10.40 2.84 -4.82
CA TRP A 96 -11.40 2.62 -3.79
C TRP A 96 -12.73 2.29 -4.43
N TYR A 97 -13.30 1.16 -4.05
CA TYR A 97 -14.58 0.66 -4.55
C TYR A 97 -15.55 0.52 -3.38
N SER A 98 -16.13 1.65 -2.98
CA SER A 98 -17.21 1.75 -1.98
C SER A 98 -16.79 1.43 -0.54
N ASN A 99 -16.11 0.30 -0.35
CA ASN A 99 -15.77 -0.17 0.99
C ASN A 99 -14.45 -0.92 1.02
N HIS A 100 -13.65 -0.90 -0.03
CA HIS A 100 -12.35 -1.55 0.01
CA HIS A 100 -12.35 -1.56 -0.02
C HIS A 100 -11.47 -1.01 -1.12
N TRP A 101 -10.17 -1.18 -0.92
CA TRP A 101 -9.16 -0.82 -1.90
C TRP A 101 -8.80 -2.05 -2.73
N VAL A 102 -8.59 -1.83 -4.03
CA VAL A 102 -8.13 -2.87 -4.93
C VAL A 102 -6.88 -2.35 -5.62
N PHE A 103 -5.80 -3.12 -5.58
CA PHE A 103 -4.56 -2.75 -6.24
C PHE A 103 -4.51 -3.30 -7.66
N GLY A 104 -3.95 -2.51 -8.56
CA GLY A 104 -3.57 -3.03 -9.85
C GLY A 104 -2.41 -3.98 -9.73
N GLY A 105 -2.10 -4.66 -10.83
CA GLY A 105 -1.03 -5.63 -10.80
C GLY A 105 0.37 -5.07 -10.84
N GLY A 106 0.51 -3.76 -11.05
CA GLY A 106 1.81 -3.14 -11.11
C GLY A 106 2.37 -3.12 -12.51
N THR A 107 3.10 -2.05 -12.85
CA THR A 107 3.84 -1.93 -14.10
C THR A 107 5.32 -1.92 -13.75
N LYS A 108 6.05 -2.87 -14.31
N LYS A 108 6.05 -2.88 -14.31
CA LYS A 108 7.51 -2.90 -14.17
CA LYS A 108 7.51 -2.89 -14.16
C LYS A 108 8.10 -1.95 -15.20
C LYS A 108 8.07 -1.93 -15.20
N LEU A 109 8.58 -0.80 -14.74
CA LEU A 109 9.22 0.19 -15.61
C LEU A 109 10.73 -0.03 -15.65
N THR A 110 11.24 -0.36 -16.84
CA THR A 110 12.68 -0.40 -17.11
C THR A 110 13.11 0.93 -17.69
N VAL A 111 14.15 1.51 -17.12
CA VAL A 111 14.76 2.74 -17.64
C VAL A 111 16.19 2.41 -18.07
N LEU A 112 16.48 2.61 -19.34
CA LEU A 112 17.78 2.25 -19.90
C LEU A 112 18.90 3.26 -19.60
N GLY A 113 19.19 3.39 -18.31
CA GLY A 113 20.29 4.25 -17.87
C GLY A 113 21.18 3.60 -16.83
N GLN A 130 10.78 13.10 6.85
CA GLN A 130 10.42 13.30 8.25
C GLN A 130 9.41 12.27 8.75
N VAL A 131 8.37 12.03 7.96
CA VAL A 131 7.42 10.98 8.30
C VAL A 131 8.12 9.64 8.18
N GLN A 132 8.03 8.82 9.24
CA GLN A 132 8.66 7.51 9.25
CA GLN A 132 8.66 7.51 9.25
C GLN A 132 7.71 6.50 9.87
N LEU A 133 7.56 5.36 9.20
CA LEU A 133 6.79 4.22 9.70
C LEU A 133 7.79 3.09 9.85
N GLN A 134 8.03 2.64 11.07
CA GLN A 134 9.10 1.69 11.35
C GLN A 134 8.52 0.31 11.63
N GLN A 135 8.90 -0.67 10.80
CA GLN A 135 8.49 -2.06 10.93
C GLN A 135 9.72 -2.96 11.03
N PRO A 136 9.67 -4.03 11.83
CA PRO A 136 10.77 -5.01 11.82
C PRO A 136 10.89 -5.67 10.45
N GLY A 137 12.10 -6.09 10.12
CA GLY A 137 12.33 -6.66 8.81
C GLY A 137 11.66 -8.01 8.60
N ALA A 138 11.60 -8.85 9.64
CA ALA A 138 11.11 -10.20 9.44
C ALA A 138 10.63 -10.78 10.76
N GLU A 139 9.78 -11.79 10.64
CA GLU A 139 9.34 -12.60 11.76
C GLU A 139 9.19 -14.02 11.25
N LEU A 140 9.61 -14.99 12.08
CA LEU A 140 9.48 -16.39 11.77
C LEU A 140 8.68 -17.01 12.90
N VAL A 141 7.51 -17.58 12.58
CA VAL A 141 6.54 -18.03 13.58
C VAL A 141 6.07 -19.41 13.17
N LYS A 142 5.76 -20.25 14.17
CA LYS A 142 5.31 -21.61 13.88
C LYS A 142 3.84 -21.63 13.44
N PRO A 143 3.45 -22.60 12.60
CA PRO A 143 2.04 -22.77 12.27
C PRO A 143 1.19 -22.93 13.52
N GLY A 144 -0.02 -22.36 13.46
CA GLY A 144 -0.94 -22.40 14.56
C GLY A 144 -0.74 -21.31 15.59
N ALA A 145 0.37 -20.59 15.54
CA ALA A 145 0.60 -19.53 16.51
C ALA A 145 -0.01 -18.23 16.00
N SER A 146 0.14 -17.19 16.80
CA SER A 146 -0.24 -15.83 16.42
CA SER A 146 -0.24 -15.84 16.43
C SER A 146 1.01 -14.97 16.32
N VAL A 147 0.85 -13.83 15.66
CA VAL A 147 1.93 -12.86 15.56
C VAL A 147 1.30 -11.49 15.69
N LYS A 148 2.04 -10.58 16.33
CA LYS A 148 1.65 -9.19 16.45
C LYS A 148 2.73 -8.36 15.77
N LEU A 149 2.38 -7.76 14.63
CA LEU A 149 3.30 -6.95 13.85
CA LEU A 149 3.29 -6.95 13.84
C LEU A 149 3.13 -5.49 14.25
N SER A 150 4.27 -4.80 14.42
CA SER A 150 4.26 -3.44 14.89
C SER A 150 4.66 -2.45 13.79
N CYS A 151 4.14 -1.22 13.91
CA CYS A 151 4.42 -0.15 12.96
C CYS A 151 4.51 1.11 13.82
N LYS A 152 5.73 1.48 14.20
CA LYS A 152 5.97 2.60 15.09
CA LYS A 152 5.97 2.60 15.09
C LYS A 152 6.20 3.85 14.27
N THR A 153 5.45 4.89 14.54
CA THR A 153 5.49 6.08 13.70
C THR A 153 6.19 7.25 14.39
N SER A 154 6.69 8.14 13.56
CA SER A 154 7.29 9.39 14.02
C SER A 154 7.21 10.42 12.89
N GLY A 155 7.39 11.68 13.27
CA GLY A 155 7.41 12.75 12.31
C GLY A 155 6.07 13.36 11.96
N TYR A 156 4.98 12.91 12.58
CA TYR A 156 3.67 13.49 12.34
C TYR A 156 2.80 13.23 13.56
N THR A 157 1.66 13.92 13.60
CA THR A 157 0.72 13.77 14.71
C THR A 157 -0.09 12.49 14.46
N PHE A 158 0.26 11.42 15.15
CA PHE A 158 -0.31 10.10 14.86
C PHE A 158 -1.84 10.06 14.89
N PRO A 159 -2.53 10.66 15.86
CA PRO A 159 -3.99 10.53 15.87
C PRO A 159 -4.68 11.19 14.70
N TYR A 160 -3.99 12.04 13.94
CA TYR A 160 -4.61 12.72 12.82
CA TYR A 160 -4.61 12.72 12.82
C TYR A 160 -4.69 11.84 11.58
N TYR A 161 -4.09 10.65 11.60
CA TYR A 161 -4.04 9.80 10.42
C TYR A 161 -4.43 8.38 10.79
N TRP A 162 -5.02 7.70 9.82
CA TRP A 162 -5.29 6.28 9.89
C TRP A 162 -4.04 5.49 9.58
N MET A 163 -4.10 4.19 9.83
CA MET A 163 -3.02 3.26 9.39
C MET A 163 -3.65 2.14 8.57
N HIS A 164 -3.20 1.96 7.34
CA HIS A 164 -3.56 0.84 6.50
C HIS A 164 -2.54 -0.29 6.67
N TRP A 165 -2.99 -1.50 6.38
CA TRP A 165 -2.11 -2.64 6.24
C TRP A 165 -2.38 -3.32 4.91
N VAL A 166 -1.31 -3.78 4.26
N VAL A 166 -1.31 -3.83 4.30
CA VAL A 166 -1.37 -4.45 2.97
CA VAL A 166 -1.31 -4.40 2.95
C VAL A 166 -0.36 -5.59 3.05
C VAL A 166 -0.50 -5.68 2.98
N ASN A 167 -0.65 -6.68 2.33
N ASN A 167 -0.98 -6.71 2.27
CA ASN A 167 0.30 -7.78 2.25
CA ASN A 167 -0.34 -8.01 2.19
C ASN A 167 0.45 -8.27 0.83
C ASN A 167 0.20 -8.26 0.78
N GLN A 168 1.59 -8.89 0.56
N GLN A 168 1.29 -9.00 0.73
CA GLN A 168 1.86 -9.45 -0.75
CA GLN A 168 1.79 -9.46 -0.56
C GLN A 168 2.46 -10.83 -0.55
C GLN A 168 2.39 -10.83 -0.41
N ARG A 169 1.70 -11.85 -0.95
CA ARG A 169 2.18 -13.23 -0.96
C ARG A 169 3.08 -13.41 -2.17
N PRO A 170 4.05 -14.33 -2.12
CA PRO A 170 4.95 -14.49 -3.26
C PRO A 170 4.18 -14.79 -4.53
N GLY A 171 4.52 -14.07 -5.60
CA GLY A 171 3.91 -14.27 -6.89
C GLY A 171 2.49 -13.79 -7.03
N ARG A 172 1.92 -13.17 -5.99
CA ARG A 172 0.54 -12.70 -5.99
C ARG A 172 0.51 -11.18 -5.93
N GLY A 173 -0.68 -10.63 -6.13
CA GLY A 173 -0.84 -9.18 -6.10
C GLY A 173 -0.94 -8.65 -4.70
N LEU A 174 -0.76 -7.33 -4.58
CA LEU A 174 -0.99 -6.64 -3.32
C LEU A 174 -2.45 -6.78 -2.92
N GLU A 175 -2.66 -7.02 -1.61
CA GLU A 175 -3.99 -7.16 -1.05
C GLU A 175 -4.13 -6.24 0.14
N TRP A 176 -5.11 -5.36 0.08
CA TRP A 176 -5.43 -4.54 1.23
C TRP A 176 -5.99 -5.42 2.33
N ILE A 177 -5.47 -5.23 3.55
CA ILE A 177 -5.96 -5.95 4.74
C ILE A 177 -7.06 -5.16 5.41
N GLY A 178 -6.83 -3.88 5.63
CA GLY A 178 -7.77 -3.04 6.35
C GLY A 178 -7.10 -1.77 6.82
N ARG A 179 -7.90 -0.94 7.49
CA ARG A 179 -7.39 0.26 8.11
C ARG A 179 -7.95 0.40 9.52
N ILE A 180 -7.30 1.26 10.28
CA ILE A 180 -7.76 1.64 11.61
C ILE A 180 -7.63 3.15 11.76
N ASP A 181 -8.64 3.76 12.37
CA ASP A 181 -8.63 5.17 12.75
C ASP A 181 -8.24 5.24 14.21
N PRO A 182 -7.11 5.87 14.56
CA PRO A 182 -6.74 5.94 15.99
C PRO A 182 -7.69 6.74 16.84
N ASN A 183 -8.62 7.49 16.28
CA ASN A 183 -9.63 8.15 17.11
C ASN A 183 -10.81 7.22 17.36
N GLY A 184 -10.65 6.31 18.32
CA GLY A 184 -11.64 5.29 18.62
C GLY A 184 -11.27 3.92 18.16
N GLY A 185 -10.23 3.80 17.33
CA GLY A 185 -9.81 2.48 16.93
C GLY A 185 -10.74 1.77 15.98
N GLY A 186 -11.60 2.51 15.28
CA GLY A 186 -12.53 1.89 14.36
C GLY A 186 -11.80 1.28 13.18
N THR A 187 -12.16 0.05 12.86
CA THR A 187 -11.53 -0.70 11.79
C THR A 187 -12.45 -0.89 10.59
N ARG A 188 -11.82 -1.10 9.44
CA ARG A 188 -12.49 -1.58 8.25
C ARG A 188 -11.58 -2.60 7.63
N TYR A 189 -12.09 -3.81 7.38
CA TYR A 189 -11.31 -4.88 6.79
C TYR A 189 -11.77 -5.20 5.38
N SER A 190 -10.84 -5.73 4.60
CA SER A 190 -11.20 -6.35 3.34
C SER A 190 -11.88 -7.70 3.58
N GLU A 191 -12.57 -8.18 2.53
CA GLU A 191 -13.21 -9.48 2.58
CA GLU A 191 -13.21 -9.49 2.59
C GLU A 191 -12.21 -10.58 2.92
N LYS A 192 -11.00 -10.52 2.35
CA LYS A 192 -10.04 -11.60 2.58
CA LYS A 192 -10.04 -11.59 2.59
C LYS A 192 -9.57 -11.64 4.03
N PHE A 193 -9.56 -10.50 4.72
CA PHE A 193 -8.95 -10.43 6.04
C PHE A 193 -9.95 -10.20 7.17
N LYS A 194 -11.24 -10.12 6.88
CA LYS A 194 -12.24 -9.72 7.85
C LYS A 194 -12.32 -10.65 9.05
N SER A 195 -11.89 -11.91 8.92
CA SER A 195 -11.87 -12.87 10.02
CA SER A 195 -11.86 -12.83 10.06
C SER A 195 -10.46 -13.36 10.32
N LYS A 196 -9.43 -12.62 9.90
CA LYS A 196 -8.04 -13.03 10.07
CA LYS A 196 -8.04 -13.02 10.06
C LYS A 196 -7.22 -11.99 10.81
N ALA A 197 -7.34 -10.73 10.45
CA ALA A 197 -6.51 -9.67 11.00
C ALA A 197 -7.23 -8.94 12.13
N THR A 198 -6.43 -8.50 13.11
CA THR A 198 -6.92 -7.64 14.18
C THR A 198 -6.02 -6.41 14.25
N LEU A 199 -6.57 -5.24 13.96
CA LEU A 199 -5.82 -4.00 14.01
C LEU A 199 -6.11 -3.27 15.32
N THR A 200 -5.08 -2.72 15.93
N THR A 200 -5.04 -2.76 15.93
CA THR A 200 -5.26 -1.88 17.12
CA THR A 200 -5.11 -1.86 17.06
C THR A 200 -4.35 -0.65 16.98
C THR A 200 -3.95 -0.85 16.95
N VAL A 201 -4.60 0.36 17.82
N VAL A 201 -3.92 0.09 17.90
CA VAL A 201 -3.66 1.47 17.98
CA VAL A 201 -2.84 1.06 17.99
C VAL A 201 -3.42 1.70 19.47
C VAL A 201 -2.47 1.26 19.45
N ASP A 202 -2.26 2.28 19.76
N ASP A 202 -1.28 1.81 19.67
CA ASP A 202 -1.92 2.80 21.09
CA ASP A 202 -0.84 2.32 20.96
C ASP A 202 -1.46 4.23 20.86
C ASP A 202 -0.37 3.76 20.71
N LYS A 203 -2.36 5.19 21.11
N LYS A 203 -1.24 4.71 21.00
CA LYS A 203 -2.02 6.58 20.86
CA LYS A 203 -0.93 6.12 20.69
C LYS A 203 -0.86 7.05 21.72
C LYS A 203 0.28 6.64 21.46
N PRO A 204 -0.75 6.70 23.00
N PRO A 204 0.45 6.36 22.75
CA PRO A 204 0.37 7.24 23.79
CA PRO A 204 1.62 6.92 23.44
C PRO A 204 1.73 6.90 23.22
C PRO A 204 2.95 6.55 22.79
N SER A 205 1.87 5.75 22.56
N SER A 205 3.07 5.33 22.26
CA SER A 205 3.14 5.36 21.96
CA SER A 205 4.29 4.89 21.59
C SER A 205 3.16 5.54 20.45
C SER A 205 4.23 5.10 20.08
N ASN A 206 2.13 6.18 19.90
N ASN A 206 3.18 5.75 19.59
CA ASN A 206 2.08 6.51 18.48
CA ASN A 206 3.06 6.09 18.17
C ASN A 206 2.29 5.28 17.61
C ASN A 206 3.20 4.86 17.27
N THR A 207 1.70 4.16 18.00
N THR A 207 2.60 3.75 17.70
CA THR A 207 1.96 2.89 17.36
CA THR A 207 2.76 2.46 17.03
C THR A 207 0.67 2.21 16.91
C THR A 207 1.40 1.88 16.68
N ALA A 208 0.73 1.64 15.71
N ALA A 208 1.27 1.37 15.46
CA ALA A 208 -0.27 0.73 15.16
CA ALA A 208 0.06 0.68 15.02
C ALA A 208 0.27 -0.70 15.18
C ALA A 208 0.35 -0.81 15.01
N TYR A 209 -0.65 -1.65 15.36
CA TYR A 209 -0.39 -3.09 15.43
C TYR A 209 -1.35 -3.87 14.54
N MET A 210 -0.85 -4.95 13.97
N MET A 210 -0.86 -5.00 14.03
CA MET A 210 -1.69 -5.89 13.27
CA MET A 210 -1.66 -5.96 13.26
C MET A 210 -1.36 -7.27 13.79
C MET A 210 -1.41 -7.35 13.85
N GLN A 211 -2.33 -7.91 14.41
N GLN A 211 -2.48 -8.13 14.07
CA GLN A 211 -2.21 -9.31 14.76
CA GLN A 211 -2.37 -9.45 14.68
C GLN A 211 -2.81 -10.13 13.63
C GLN A 211 -3.05 -10.54 13.85
N LEU A 212 -2.16 -11.24 13.34
N LEU A 212 -2.42 -11.72 13.83
CA LEU A 212 -2.70 -12.23 12.43
CA LEU A 212 -2.96 -12.93 13.24
C LEU A 212 -2.87 -13.52 13.22
C LEU A 212 -2.76 -14.07 14.23
N SER A 213 -4.06 -14.10 13.16
N SER A 213 -3.66 -15.06 14.19
CA SER A 213 -4.39 -15.27 13.96
CA SER A 213 -3.58 -16.24 15.03
C SER A 213 -4.40 -16.54 13.12
C SER A 213 -3.76 -17.48 14.15
N SER A 214 -4.26 -17.66 13.82
N SER A 214 -3.50 -18.64 14.74
CA SER A 214 -4.37 -18.99 13.23
CA SER A 214 -3.66 -19.93 14.05
C SER A 214 -3.50 -19.12 11.99
C SER A 214 -2.97 -19.92 12.68
N LEU A 215 -2.20 -18.90 12.20
N LEU A 215 -1.75 -19.40 12.65
CA LEU A 215 -1.24 -18.80 11.12
CA LEU A 215 -1.11 -19.08 11.38
C LEU A 215 -1.05 -20.12 10.39
C LEU A 215 -0.92 -20.32 10.50
N THR A 216 -1.05 -20.05 9.06
N THR A 216 -0.92 -20.08 9.19
CA THR A 216 -0.69 -21.17 8.21
CA THR A 216 -0.71 -21.12 8.19
C THR A 216 0.36 -20.68 7.23
C THR A 216 0.39 -20.67 7.25
N SER A 217 0.91 -21.63 6.46
CA SER A 217 1.91 -21.27 5.47
CA SER A 217 1.91 -21.28 5.46
C SER A 217 1.36 -20.28 4.43
N GLU A 218 0.04 -20.27 4.23
CA GLU A 218 -0.58 -19.32 3.30
C GLU A 218 -0.46 -17.89 3.80
N ASP A 219 -0.16 -17.70 5.07
CA ASP A 219 0.02 -16.37 5.63
C ASP A 219 1.44 -15.84 5.48
N SER A 220 2.37 -16.66 5.00
CA SER A 220 3.71 -16.16 4.73
C SER A 220 3.63 -15.13 3.61
N ALA A 221 4.16 -13.94 3.86
CA ALA A 221 3.97 -12.80 2.97
C ALA A 221 4.71 -11.62 3.59
N VAL A 222 4.89 -10.58 2.79
CA VAL A 222 5.35 -9.30 3.33
C VAL A 222 4.12 -8.49 3.71
N TYR A 223 4.16 -7.91 4.92
CA TYR A 223 3.07 -7.11 5.46
C TYR A 223 3.55 -5.69 5.65
N TYR A 224 2.87 -4.75 5.01
CA TYR A 224 3.21 -3.34 5.08
C TYR A 224 2.19 -2.58 5.89
N CYS A 225 2.65 -1.60 6.65
CA CYS A 225 1.78 -0.54 7.10
C CYS A 225 1.98 0.67 6.19
N ALA A 226 0.90 1.43 6.00
CA ALA A 226 0.94 2.62 5.17
C ALA A 226 -0.05 3.63 5.72
N ARG A 227 0.36 4.88 5.76
CA ARG A 227 -0.47 5.93 6.32
C ARG A 227 -1.64 6.24 5.41
N GLY A 228 -2.75 6.68 6.02
CA GLY A 228 -3.84 7.24 5.25
C GLY A 228 -4.67 8.16 6.11
N LYS A 229 -5.68 8.72 5.49
CA LYS A 229 -6.73 9.51 6.13
CA LYS A 229 -6.73 9.51 6.13
C LYS A 229 -7.74 9.80 5.03
N LEU A 230 -8.91 10.29 5.41
CA LEU A 230 -9.88 10.61 4.38
C LEU A 230 -9.26 11.49 3.31
N GLY A 231 -9.41 11.06 2.05
CA GLY A 231 -8.92 11.81 0.93
C GLY A 231 -7.41 11.84 0.73
N GLN A 232 -6.64 11.05 1.48
CA GLN A 232 -5.18 11.09 1.33
C GLN A 232 -4.61 9.76 1.84
N HIS A 233 -4.42 8.82 0.93
CA HIS A 233 -4.06 7.45 1.29
C HIS A 233 -2.77 6.98 0.65
N PHE A 234 -2.05 6.17 1.42
CA PHE A 234 -0.89 5.43 0.95
C PHE A 234 0.30 6.33 0.61
N ASP A 235 0.41 7.47 1.29
CA ASP A 235 1.48 8.42 0.99
C ASP A 235 2.82 8.03 1.56
N TYR A 236 2.84 7.35 2.71
CA TYR A 236 4.06 6.89 3.36
C TYR A 236 3.87 5.46 3.81
N TRP A 237 4.93 4.66 3.67
CA TRP A 237 4.89 3.23 3.90
C TRP A 237 6.00 2.81 4.86
N GLY A 238 5.71 1.83 5.70
CA GLY A 238 6.75 1.11 6.38
C GLY A 238 7.54 0.25 5.42
N GLN A 239 8.64 -0.32 5.90
CA GLN A 239 9.51 -1.06 5.01
C GLN A 239 8.92 -2.41 4.62
N GLY A 240 7.94 -2.90 5.38
CA GLY A 240 7.42 -4.23 5.17
C GLY A 240 8.09 -5.26 6.07
N THR A 241 7.28 -6.04 6.80
CA THR A 241 7.80 -7.15 7.59
C THR A 241 7.53 -8.43 6.82
N ALA A 242 8.59 -9.18 6.51
CA ALA A 242 8.46 -10.46 5.86
C ALA A 242 8.14 -11.51 6.93
N LEU A 243 6.90 -12.00 6.93
CA LEU A 243 6.47 -13.05 7.84
C LEU A 243 6.65 -14.40 7.16
N THR A 244 7.36 -15.30 7.82
CA THR A 244 7.46 -16.68 7.40
C THR A 244 6.82 -17.55 8.45
N VAL A 245 5.89 -18.38 8.04
CA VAL A 245 5.21 -19.31 8.94
C VAL A 245 5.82 -20.67 8.68
N SER A 246 6.60 -21.17 9.65
CA SER A 246 7.32 -22.41 9.49
C SER A 246 7.68 -22.95 10.87
N SER A 247 7.73 -24.27 10.97
CA SER A 247 8.22 -24.89 12.19
C SER A 247 9.75 -24.88 12.19
#